data_4LM9
#
_entry.id   4LM9
#
_cell.length_a   81.971
_cell.length_b   81.971
_cell.length_c   42.732
_cell.angle_alpha   90.00
_cell.angle_beta   90.00
_cell.angle_gamma   120.00
#
_symmetry.space_group_name_H-M   'P 65'
#
loop_
_entity.id
_entity.type
_entity.pdbx_description
1 polymer Nucleoprotein
2 non-polymer "GUANOSINE-5'-MONOPHOSPHATE"
3 water water
#
_entity_poly.entity_id   1
_entity_poly.type   'polypeptide(L)'
_entity_poly.pdbx_seq_one_letter_code
;EFNVVPYYSWFSGITQFQKGKEFEFVEGQGVPIAPGVPATEAKGYWYRHNRRSFKTADGNQRQLLPRWYFYYLGTGPHAK
DQYGTDIDGVYWVASNQADVNTPADIVDRDPSSDEAIPTRFPPGTVLPQGYYIEG
;
_entity_poly.pdbx_strand_id   A
#
# COMPACT_ATOMS: atom_id res chain seq x y z
N GLU A 1 5.33 -4.66 -14.86
CA GLU A 1 3.95 -4.20 -15.03
C GLU A 1 2.96 -5.34 -14.75
N PHE A 2 1.70 -5.11 -15.11
CA PHE A 2 0.64 -6.08 -14.89
C PHE A 2 0.09 -6.60 -16.23
N ASN A 3 -0.08 -7.91 -16.34
CA ASN A 3 -0.74 -8.53 -17.50
C ASN A 3 -2.21 -8.92 -17.22
N VAL A 4 -2.66 -8.64 -16.02
CA VAL A 4 -4.07 -8.68 -15.66
C VAL A 4 -4.26 -7.33 -15.02
N VAL A 5 -5.20 -6.54 -15.52
CA VAL A 5 -5.40 -5.23 -14.99
C VAL A 5 -5.59 -5.29 -13.48
N PRO A 6 -4.83 -4.47 -12.75
CA PRO A 6 -4.92 -4.45 -11.29
C PRO A 6 -6.04 -3.57 -10.77
N TYR A 7 -6.39 -3.72 -9.51
CA TYR A 7 -7.15 -2.70 -8.82
C TYR A 7 -6.20 -1.52 -8.66
N TYR A 8 -6.66 -0.31 -8.94
CA TYR A 8 -5.74 0.81 -8.86
C TYR A 8 -5.75 1.41 -7.45
N SER A 9 -4.54 1.54 -6.92
CA SER A 9 -4.24 2.31 -5.71
C SER A 9 -4.35 3.81 -5.93
N TRP A 10 -4.85 4.50 -4.92
CA TRP A 10 -4.84 5.96 -4.90
C TRP A 10 -3.45 6.54 -4.86
N PHE A 11 -2.45 5.71 -4.55
CA PHE A 11 -1.11 6.20 -4.15
C PHE A 11 0.01 5.53 -4.90
N SER A 12 1.17 6.18 -4.99
CA SER A 12 2.37 5.57 -5.57
C SER A 12 2.83 4.43 -4.68
N GLY A 13 3.63 3.52 -5.23
CA GLY A 13 4.06 2.36 -4.48
C GLY A 13 5.30 2.62 -3.65
N ILE A 14 5.66 1.60 -2.88
CA ILE A 14 6.84 1.59 -2.08
C ILE A 14 7.61 0.33 -2.53
N THR A 15 8.82 0.53 -3.02
CA THR A 15 9.63 -0.52 -3.65
C THR A 15 10.77 -1.02 -2.77
N GLN A 16 10.86 -2.32 -2.56
CA GLN A 16 12.00 -2.84 -1.83
C GLN A 16 13.25 -2.66 -2.68
N PHE A 17 14.35 -2.23 -2.04
CA PHE A 17 15.64 -2.19 -2.74
C PHE A 17 16.76 -2.96 -2.03
N GLN A 18 16.56 -3.26 -0.75
CA GLN A 18 17.48 -4.14 -0.02
C GLN A 18 16.79 -5.40 0.36
N LYS A 19 17.32 -6.52 -0.12
CA LYS A 19 16.72 -7.79 0.26
C LYS A 19 16.99 -8.02 1.73
N GLY A 20 16.11 -8.75 2.38
CA GLY A 20 16.26 -9.04 3.79
C GLY A 20 15.50 -8.09 4.69
N LYS A 21 15.07 -6.96 4.16
CA LYS A 21 14.40 -5.98 5.03
C LYS A 21 12.90 -6.21 5.04
N GLU A 22 12.29 -6.16 6.22
CA GLU A 22 10.85 -6.36 6.35
C GLU A 22 10.03 -5.10 6.07
N PHE A 23 8.91 -5.27 5.40
CA PHE A 23 7.98 -4.16 5.17
C PHE A 23 7.09 -4.04 6.37
N GLU A 24 7.25 -2.92 7.08
CA GLU A 24 6.50 -2.74 8.32
C GLU A 24 6.30 -1.24 8.65
N PHE A 25 5.34 -1.00 9.52
CA PHE A 25 5.11 0.31 10.11
C PHE A 25 4.76 0.13 11.57
N VAL A 26 4.95 1.18 12.36
CA VAL A 26 4.49 1.17 13.74
C VAL A 26 2.98 1.21 13.77
N GLU A 27 2.36 0.48 14.69
CA GLU A 27 0.91 0.47 14.79
C GLU A 27 0.39 1.90 14.93
N GLY A 28 -0.64 2.25 14.16
CA GLY A 28 -1.09 3.62 14.12
C GLY A 28 -0.53 4.43 12.97
N GLN A 29 0.54 3.93 12.33
CA GLN A 29 1.13 4.64 11.22
C GLN A 29 1.05 3.83 9.91
N GLY A 30 1.41 4.47 8.82
CA GLY A 30 1.55 3.80 7.55
C GLY A 30 0.42 4.06 6.58
N VAL A 31 -0.51 4.96 6.93
CA VAL A 31 -1.56 5.32 5.96
C VAL A 31 -1.12 6.56 5.23
N PRO A 32 -1.00 6.49 3.91
CA PRO A 32 -0.50 7.65 3.20
C PRO A 32 -1.50 8.79 3.26
N ILE A 33 -0.99 9.98 3.04
CA ILE A 33 -1.76 11.19 3.19
C ILE A 33 -2.50 11.55 1.91
N ALA A 34 -3.80 11.78 2.06
CA ALA A 34 -4.61 12.29 0.97
C ALA A 34 -5.39 13.50 1.44
N PRO A 35 -5.36 14.57 0.64
CA PRO A 35 -6.08 15.81 0.99
C PRO A 35 -7.53 15.49 1.36
N GLY A 36 -7.94 15.95 2.53
CA GLY A 36 -9.34 15.93 2.92
C GLY A 36 -9.88 14.61 3.46
N VAL A 37 -9.01 13.60 3.55
CA VAL A 37 -9.46 12.31 4.07
C VAL A 37 -9.44 12.40 5.60
N PRO A 38 -10.59 12.13 6.23
CA PRO A 38 -10.58 12.24 7.69
C PRO A 38 -9.85 11.07 8.30
N ALA A 39 -9.28 11.26 9.47
CA ALA A 39 -8.52 10.22 10.14
C ALA A 39 -9.36 8.96 10.47
N THR A 40 -10.67 9.14 10.66
CA THR A 40 -11.54 7.98 10.90
C THR A 40 -11.55 7.04 9.69
N GLU A 41 -11.28 7.56 8.51
CA GLU A 41 -11.24 6.73 7.30
C GLU A 41 -9.84 6.18 6.96
N ALA A 42 -8.82 6.53 7.74
CA ALA A 42 -7.46 6.17 7.39
C ALA A 42 -7.19 4.77 7.85
N LYS A 43 -7.63 3.81 7.04
CA LYS A 43 -7.49 2.40 7.37
C LYS A 43 -7.41 1.57 6.10
N GLY A 44 -6.59 0.52 6.12
CA GLY A 44 -6.41 -0.30 4.94
C GLY A 44 -5.21 -1.19 5.00
N TYR A 45 -4.62 -1.45 3.83
CA TYR A 45 -3.51 -2.38 3.77
C TYR A 45 -2.62 -2.09 2.60
N TRP A 46 -1.34 -2.42 2.80
CA TRP A 46 -0.37 -2.44 1.73
C TRP A 46 -0.40 -3.85 1.13
N TYR A 47 -0.37 -3.90 -0.19
CA TYR A 47 -0.46 -5.16 -0.93
C TYR A 47 0.82 -5.36 -1.75
N ARG A 48 1.45 -6.54 -1.59
CA ARG A 48 2.72 -6.79 -2.22
C ARG A 48 2.50 -7.29 -3.65
N HIS A 49 3.18 -6.63 -4.56
CA HIS A 49 3.25 -7.01 -5.97
C HIS A 49 4.63 -7.64 -6.25
N ASN A 50 4.64 -8.96 -6.37
CA ASN A 50 5.84 -9.72 -6.71
C ASN A 50 6.03 -9.59 -8.22
N ARG A 51 7.25 -9.28 -8.64
CA ARG A 51 7.48 -8.68 -9.95
C ARG A 51 8.05 -9.53 -11.10
N ARG A 52 8.93 -10.49 -10.81
CA ARG A 52 9.56 -11.36 -11.88
C ARG A 52 10.25 -10.67 -13.08
N SER A 53 11.51 -11.01 -13.30
CA SER A 53 12.25 -10.56 -14.49
C SER A 53 12.48 -11.72 -15.45
N PHE A 54 12.70 -11.40 -16.73
CA PHE A 54 13.02 -12.44 -17.72
C PHE A 54 14.52 -12.74 -17.70
N LYS A 55 14.85 -13.96 -18.07
CA LYS A 55 16.22 -14.40 -18.00
C LYS A 55 16.96 -13.77 -19.18
N THR A 56 18.19 -13.34 -18.93
CA THR A 56 19.08 -12.80 -19.97
C THR A 56 20.31 -13.70 -20.03
N ALA A 57 21.34 -13.26 -20.76
CA ALA A 57 22.71 -13.76 -20.53
C ALA A 57 23.59 -12.71 -19.80
N ASP A 58 22.97 -11.89 -18.96
CA ASP A 58 23.72 -10.95 -18.14
C ASP A 58 23.95 -11.55 -16.72
N GLY A 59 23.13 -11.14 -15.75
CA GLY A 59 23.23 -11.68 -14.40
C GLY A 59 21.90 -12.20 -13.88
N GLN A 63 15.38 -11.06 -9.45
CA GLN A 63 16.23 -9.90 -9.22
C GLN A 63 15.41 -8.62 -9.09
N LEU A 64 14.16 -8.66 -9.54
CA LEU A 64 13.22 -7.57 -9.29
C LEU A 64 12.58 -7.77 -7.92
N LEU A 65 12.75 -6.79 -7.03
CA LEU A 65 12.22 -6.90 -5.68
C LEU A 65 10.78 -6.37 -5.63
N PRO A 66 10.01 -6.80 -4.63
CA PRO A 66 8.58 -6.43 -4.64
C PRO A 66 8.35 -4.94 -4.45
N ARG A 67 7.16 -4.53 -4.84
CA ARG A 67 6.67 -3.18 -4.71
C ARG A 67 5.25 -3.23 -4.13
N TRP A 68 5.02 -2.44 -3.09
CA TRP A 68 3.78 -2.54 -2.34
C TRP A 68 2.90 -1.34 -2.67
N TYR A 69 1.59 -1.58 -2.74
CA TYR A 69 0.60 -0.56 -3.03
C TYR A 69 -0.48 -0.50 -1.95
N PHE A 70 -0.93 0.70 -1.63
CA PHE A 70 -1.97 0.87 -0.61
C PHE A 70 -3.40 0.82 -1.12
N TYR A 71 -4.21 0.07 -0.40
CA TYR A 71 -5.66 0.05 -0.59
C TYR A 71 -6.43 0.35 0.68
N TYR A 72 -7.42 1.22 0.57
CA TYR A 72 -8.32 1.48 1.69
C TYR A 72 -9.12 0.23 2.05
N LEU A 73 -9.38 0.07 3.35
CA LEU A 73 -10.10 -1.08 3.85
C LEU A 73 -11.41 -1.30 3.08
N GLY A 74 -11.58 -2.51 2.56
CA GLY A 74 -12.77 -2.84 1.80
C GLY A 74 -12.69 -2.55 0.31
N THR A 75 -11.48 -2.35 -0.18
CA THR A 75 -11.22 -2.10 -1.59
C THR A 75 -10.01 -2.92 -1.97
N GLY A 76 -9.80 -3.04 -3.28
CA GLY A 76 -8.65 -3.67 -3.85
C GLY A 76 -8.74 -5.17 -3.86
N PRO A 77 -7.58 -5.83 -4.03
CA PRO A 77 -7.53 -7.29 -4.19
C PRO A 77 -7.86 -8.06 -2.92
N HIS A 78 -7.73 -7.43 -1.76
CA HIS A 78 -8.16 -8.07 -0.54
C HIS A 78 -9.32 -7.32 0.12
N ALA A 79 -10.26 -6.90 -0.71
CA ALA A 79 -11.40 -6.10 -0.23
C ALA A 79 -12.29 -6.82 0.77
N LYS A 80 -12.23 -8.15 0.80
CA LYS A 80 -13.14 -8.91 1.68
C LYS A 80 -12.46 -9.45 2.93
N ASP A 81 -11.16 -9.30 3.04
CA ASP A 81 -10.43 -9.89 4.18
C ASP A 81 -10.57 -8.99 5.43
N GLN A 82 -10.55 -9.61 6.61
CA GLN A 82 -10.73 -8.86 7.86
C GLN A 82 -9.45 -8.17 8.21
N TYR A 83 -9.58 -6.95 8.69
CA TYR A 83 -8.42 -6.22 9.14
C TYR A 83 -7.62 -7.00 10.17
N GLY A 84 -6.31 -7.04 9.93
CA GLY A 84 -5.31 -7.57 10.85
C GLY A 84 -5.07 -9.08 10.69
N THR A 85 -5.70 -9.68 9.71
CA THR A 85 -5.62 -11.13 9.53
C THR A 85 -4.33 -11.42 8.84
N ASP A 86 -3.61 -12.41 9.36
CA ASP A 86 -2.32 -12.80 8.82
C ASP A 86 -2.49 -13.36 7.40
N ILE A 87 -2.01 -12.62 6.41
CA ILE A 87 -2.18 -13.00 5.00
C ILE A 87 -0.90 -12.64 4.29
N ASP A 88 -0.37 -13.59 3.52
CA ASP A 88 0.94 -13.39 2.96
C ASP A 88 0.81 -12.29 1.89
N GLY A 89 1.71 -11.32 1.95
CA GLY A 89 1.66 -10.21 1.01
C GLY A 89 0.69 -9.08 1.34
N VAL A 90 0.10 -9.12 2.54
CA VAL A 90 -0.83 -8.07 2.98
C VAL A 90 -0.31 -7.50 4.28
N TYR A 91 -0.20 -6.17 4.36
CA TYR A 91 0.21 -5.54 5.60
C TYR A 91 -0.79 -4.46 6.04
N TRP A 92 -1.52 -4.76 7.12
CA TRP A 92 -2.63 -3.90 7.55
C TRP A 92 -2.12 -2.69 8.31
N VAL A 93 -2.67 -1.52 7.99
CA VAL A 93 -2.30 -0.27 8.65
C VAL A 93 -3.56 0.54 8.94
N ALA A 94 -3.58 1.29 10.05
CA ALA A 94 -4.73 2.12 10.36
C ALA A 94 -4.39 3.24 11.37
N SER A 95 -4.96 4.40 11.18
CA SER A 95 -4.90 5.45 12.19
C SER A 95 -5.52 4.97 13.49
N ASN A 96 -5.02 5.45 14.64
CA ASN A 96 -5.68 5.06 15.89
C ASN A 96 -7.11 5.59 16.01
N GLN A 97 -7.50 6.44 15.08
CA GLN A 97 -8.86 7.00 15.04
C GLN A 97 -9.85 6.16 14.23
N ALA A 98 -9.34 5.14 13.56
CA ALA A 98 -10.18 4.38 12.65
C ALA A 98 -10.76 3.17 13.36
N ASP A 99 -12.00 2.89 13.02
CA ASP A 99 -12.68 1.68 13.43
C ASP A 99 -12.55 0.70 12.28
N VAL A 100 -11.77 -0.33 12.49
CA VAL A 100 -11.46 -1.23 11.39
C VAL A 100 -12.51 -2.32 11.17
N ASN A 101 -13.64 -2.22 11.86
CA ASN A 101 -14.78 -3.11 11.62
C ASN A 101 -15.58 -2.69 10.40
N THR A 102 -15.38 -1.49 9.91
CA THR A 102 -16.18 -1.00 8.78
C THR A 102 -15.24 -0.61 7.65
N PRO A 103 -15.65 -0.86 6.39
CA PRO A 103 -14.90 -0.40 5.20
C PRO A 103 -14.77 1.09 5.17
N ALA A 104 -13.69 1.58 4.55
CA ALA A 104 -13.53 3.02 4.41
C ALA A 104 -14.56 3.50 3.44
N ASP A 105 -15.12 4.67 3.69
CA ASP A 105 -16.10 5.25 2.80
C ASP A 105 -15.35 5.99 1.71
N ILE A 106 -14.65 5.25 0.85
CA ILE A 106 -13.74 5.87 -0.10
C ILE A 106 -13.88 5.23 -1.46
N VAL A 107 -14.14 6.06 -2.46
CA VAL A 107 -14.41 5.58 -3.81
C VAL A 107 -13.10 5.29 -4.50
N ASP A 108 -13.06 4.24 -5.32
CA ASP A 108 -11.84 3.88 -6.03
C ASP A 108 -11.42 4.97 -6.99
N ARG A 109 -10.16 4.87 -7.45
CA ARG A 109 -9.57 5.84 -8.37
C ARG A 109 -9.85 5.45 -9.81
N ASP A 110 -9.65 6.41 -10.71
CA ASP A 110 -9.59 6.21 -12.16
C ASP A 110 -11.00 6.32 -12.71
N PRO A 111 -11.13 6.56 -14.03
CA PRO A 111 -10.15 6.51 -15.14
C PRO A 111 -9.05 7.59 -15.18
N SER A 112 -9.11 8.45 -16.18
CA SER A 112 -8.25 9.60 -16.22
C SER A 112 -9.03 10.71 -15.55
N SER A 113 -9.70 10.36 -14.46
CA SER A 113 -10.24 11.37 -13.58
C SER A 113 -9.08 11.89 -12.71
N ASP A 114 -8.22 10.97 -12.26
CA ASP A 114 -7.18 11.28 -11.28
C ASP A 114 -5.90 10.43 -11.38
N GLU A 115 -4.73 11.09 -11.27
CA GLU A 115 -3.42 10.41 -11.30
C GLU A 115 -3.13 9.86 -9.88
N ALA A 116 -2.15 8.99 -9.71
CA ALA A 116 -1.82 8.53 -8.34
C ALA A 116 -1.22 9.65 -7.49
N ILE A 117 -1.66 9.76 -6.24
CA ILE A 117 -1.09 10.67 -5.26
C ILE A 117 0.27 10.16 -4.79
N PRO A 118 1.31 10.99 -4.92
CA PRO A 118 2.62 10.54 -4.41
C PRO A 118 2.51 10.20 -2.92
N THR A 119 3.01 9.03 -2.54
CA THR A 119 2.93 8.57 -1.17
C THR A 119 3.75 9.42 -0.21
N ARG A 120 3.09 9.88 0.85
CA ARG A 120 3.72 10.76 1.84
C ARG A 120 3.15 10.32 3.14
N PHE A 121 3.95 10.46 4.19
CA PHE A 121 3.51 10.18 5.56
C PHE A 121 3.69 11.37 6.48
N PRO A 122 2.92 11.42 7.57
CA PRO A 122 3.05 12.57 8.48
C PRO A 122 4.34 12.52 9.32
N PRO A 123 4.79 13.70 9.76
CA PRO A 123 5.98 13.81 10.60
C PRO A 123 5.88 12.88 11.73
N GLY A 124 6.98 12.24 12.12
CA GLY A 124 6.90 11.24 13.17
C GLY A 124 6.77 9.81 12.66
N THR A 125 6.45 9.64 11.38
CA THR A 125 6.27 8.27 10.88
C THR A 125 7.60 7.53 10.75
N VAL A 126 7.70 6.36 11.33
CA VAL A 126 8.87 5.53 11.18
C VAL A 126 8.87 4.82 9.83
N LEU A 127 9.83 5.19 8.99
CA LEU A 127 9.88 4.68 7.63
C LEU A 127 10.62 3.34 7.57
N PRO A 128 10.10 2.36 6.84
CA PRO A 128 10.77 1.06 6.79
C PRO A 128 12.07 1.13 5.97
N GLN A 129 13.15 0.78 6.63
CA GLN A 129 14.45 0.82 5.98
C GLN A 129 14.53 -0.21 4.86
N GLY A 130 15.17 0.15 3.77
CA GLY A 130 15.39 -0.75 2.65
C GLY A 130 14.32 -0.63 1.58
N TYR A 131 13.45 0.36 1.75
CA TYR A 131 12.33 0.56 0.85
C TYR A 131 12.41 1.98 0.32
N TYR A 132 12.06 2.15 -0.95
CA TYR A 132 12.05 3.46 -1.54
C TYR A 132 10.63 3.85 -1.90
N ILE A 133 10.20 5.02 -1.41
CA ILE A 133 8.84 5.48 -1.68
C ILE A 133 8.83 6.12 -3.05
N GLU A 134 8.06 5.56 -3.98
CA GLU A 134 8.02 6.08 -5.32
C GLU A 134 7.52 7.52 -5.33
N GLY A 135 8.19 8.35 -6.13
CA GLY A 135 7.87 9.76 -6.20
C GLY A 135 8.83 10.55 -5.34
#